data_7L62
#
_entry.id   7L62
#
_cell.length_a   34.084
_cell.length_b   54.065
_cell.length_c   35.876
_cell.angle_alpha   90.000
_cell.angle_beta   95.000
_cell.angle_gamma   90.000
#
_symmetry.space_group_name_H-M   'P 1 21 1'
#
loop_
_entity.id
_entity.type
_entity.pdbx_description
1 polymer 'Macrophage mannose receptor 1'
2 branched alpha-L-fucopyranose-(1-2)-beta-D-galactopyranose-(1-4)-beta-D-glucopyranose
3 non-polymer 'CALCIUM ION'
4 water water
#
_entity_poly.entity_id   1
_entity_poly.type   'polypeptide(L)'
_entity_poly.pdbx_seq_one_letter_code
;ACPEDWGASSRTSLCFKLYAKGKHEKKTWFESRDFCRALGGDLASINNKEEQQTIWRLITASGSYHKLFWLGLTYGSPSE
GFTWSDGSPVSYENWAYGEPNNYQNVEYCGELKGDPTMSWNDINCEHLNNWICQI
;
_entity_poly.pdbx_strand_id   A
#
loop_
_chem_comp.id
_chem_comp.type
_chem_comp.name
_chem_comp.formula
BGC D-saccharide, beta linking beta-D-glucopyranose 'C6 H12 O6'
CA non-polymer 'CALCIUM ION' 'Ca 2'
FUC L-saccharide, alpha linking alpha-L-fucopyranose 'C6 H12 O5'
GAL D-saccharide, beta linking beta-D-galactopyranose 'C6 H12 O6'
#
# COMPACT_ATOMS: atom_id res chain seq x y z
N ALA A 1 15.10 1.94 14.98
CA ALA A 1 15.79 2.52 13.83
C ALA A 1 15.47 1.76 12.55
N CYS A 2 15.35 2.49 11.46
CA CYS A 2 15.05 1.87 10.18
C CYS A 2 16.30 1.39 9.48
N PRO A 3 16.20 0.35 8.66
CA PRO A 3 17.29 0.04 7.74
C PRO A 3 17.59 1.24 6.87
N GLU A 4 18.85 1.35 6.46
CA GLU A 4 19.27 2.43 5.57
C GLU A 4 18.34 2.51 4.36
N ASP A 5 17.91 3.74 4.05
CA ASP A 5 17.04 4.08 2.92
C ASP A 5 15.59 3.64 3.12
N TRP A 6 15.22 3.19 4.32
CA TRP A 6 13.83 2.91 4.64
C TRP A 6 13.23 3.92 5.61
N GLY A 7 14.04 4.82 6.16
CA GLY A 7 13.53 5.81 7.09
C GLY A 7 14.63 6.27 8.03
N ALA A 8 14.19 6.88 9.13
CA ALA A 8 15.08 7.55 10.05
C ALA A 8 15.55 6.59 11.15
N SER A 9 16.38 7.11 12.07
CA SER A 9 17.08 6.27 13.03
C SER A 9 16.46 6.26 14.42
N SER A 10 15.44 7.07 14.68
CA SER A 10 14.89 7.12 16.02
C SER A 10 14.00 5.91 16.29
N ARG A 11 13.72 5.68 17.57
CA ARG A 11 12.98 4.51 17.99
C ARG A 11 11.54 4.54 17.48
N THR A 12 10.99 5.72 17.25
CA THR A 12 9.62 5.85 16.77
C THR A 12 9.53 5.95 15.26
N SER A 13 10.63 5.77 14.54
CA SER A 13 10.61 5.91 13.10
C SER A 13 9.90 4.73 12.44
N LEU A 14 9.08 5.05 11.44
CA LEU A 14 8.36 4.06 10.65
C LEU A 14 9.10 3.83 9.33
N CYS A 15 9.17 2.58 8.90
CA CYS A 15 10.04 2.19 7.80
C CYS A 15 9.20 1.71 6.62
N PHE A 16 9.23 2.49 5.54
CA PHE A 16 8.54 2.16 4.31
C PHE A 16 9.50 2.35 3.17
N LYS A 17 9.26 1.64 2.07
CA LYS A 17 10.06 1.83 0.86
C LYS A 17 9.17 1.73 -0.36
N LEU A 18 9.25 2.74 -1.23
CA LEU A 18 8.51 2.74 -2.49
C LEU A 18 9.22 1.88 -3.53
N TYR A 19 8.43 1.12 -4.28
CA TYR A 19 8.92 0.36 -5.44
C TYR A 19 8.12 0.82 -6.65
N ALA A 20 8.63 1.85 -7.33
CA ALA A 20 8.07 2.30 -8.59
C ALA A 20 8.81 1.61 -9.72
N LYS A 21 8.06 0.97 -10.62
CA LYS A 21 8.63 0.12 -11.65
C LYS A 21 8.03 0.44 -13.01
N GLY A 22 8.82 0.20 -14.06
CA GLY A 22 8.29 0.21 -15.40
C GLY A 22 7.35 -0.96 -15.62
N LYS A 23 6.62 -0.91 -16.74
CA LYS A 23 5.53 -1.84 -16.93
C LYS A 23 5.99 -3.30 -16.92
N HIS A 24 7.23 -3.57 -17.35
CA HIS A 24 7.70 -4.95 -17.36
C HIS A 24 8.13 -5.45 -15.99
N GLU A 25 8.16 -4.58 -14.98
CA GLU A 25 8.60 -4.96 -13.64
C GLU A 25 7.55 -4.70 -12.58
N LYS A 26 6.38 -4.19 -12.95
CA LYS A 26 5.27 -4.10 -12.02
C LYS A 26 4.78 -5.51 -11.67
N LYS A 27 4.05 -5.61 -10.57
CA LYS A 27 3.70 -6.89 -9.97
C LYS A 27 2.22 -6.94 -9.62
N THR A 28 1.68 -8.17 -9.58
CA THR A 28 0.34 -8.35 -9.03
C THR A 28 0.38 -8.15 -7.52
N TRP A 29 -0.80 -8.09 -6.91
CA TRP A 29 -0.85 -7.93 -5.45
C TRP A 29 -0.12 -9.07 -4.76
N PHE A 30 -0.40 -10.31 -5.16
CA PHE A 30 0.23 -11.45 -4.51
C PHE A 30 1.74 -11.46 -4.73
N GLU A 31 2.18 -11.14 -5.95
CA GLU A 31 3.61 -11.07 -6.22
C GLU A 31 4.28 -10.02 -5.34
N SER A 32 3.60 -8.87 -5.16
CA SER A 32 4.15 -7.80 -4.35
C SER A 32 4.22 -8.20 -2.88
N ARG A 33 3.14 -8.81 -2.37
CA ARG A 33 3.15 -9.32 -1.01
C ARG A 33 4.33 -10.27 -0.79
N ASP A 34 4.52 -11.22 -1.72
CA ASP A 34 5.60 -12.17 -1.55
C ASP A 34 6.96 -11.50 -1.63
N PHE A 35 7.11 -10.47 -2.47
CA PHE A 35 8.36 -9.73 -2.53
C PHE A 35 8.69 -9.08 -1.19
N CYS A 36 7.73 -8.38 -0.61
CA CYS A 36 8.00 -7.71 0.65
C CYS A 36 8.23 -8.70 1.78
N ARG A 37 7.48 -9.82 1.78
CA ARG A 37 7.68 -10.82 2.83
C ARG A 37 9.03 -11.50 2.69
N ALA A 38 9.54 -11.65 1.47
CA ALA A 38 10.85 -12.26 1.29
C ALA A 38 11.94 -11.46 1.98
N LEU A 39 11.76 -10.13 2.08
CA LEU A 39 12.68 -9.25 2.79
C LEU A 39 12.49 -9.28 4.30
N GLY A 40 11.51 -10.02 4.80
CA GLY A 40 11.20 -10.04 6.21
C GLY A 40 10.09 -9.10 6.63
N GLY A 41 9.46 -8.42 5.67
CA GLY A 41 8.43 -7.46 5.98
C GLY A 41 7.10 -7.85 5.39
N ASP A 42 6.38 -6.88 4.85
CA ASP A 42 5.10 -7.13 4.22
C ASP A 42 4.78 -5.92 3.36
N LEU A 43 3.70 -6.03 2.59
CA LEU A 43 3.16 -4.84 1.98
C LEU A 43 2.79 -3.82 3.06
N ALA A 44 2.90 -2.54 2.72
CA ALA A 44 2.64 -1.48 3.67
C ALA A 44 1.22 -1.51 4.19
N SER A 45 1.07 -1.46 5.51
CA SER A 45 -0.18 -1.10 6.13
C SER A 45 -0.07 0.34 6.61
N ILE A 46 -1.19 1.04 6.58
CA ILE A 46 -1.26 2.45 6.96
C ILE A 46 -2.22 2.49 8.15
N ASN A 47 -1.67 2.49 9.37
CA ASN A 47 -2.46 2.33 10.58
C ASN A 47 -2.93 3.64 11.19
N ASN A 48 -2.48 4.78 10.67
CA ASN A 48 -2.86 6.08 11.22
C ASN A 48 -2.37 7.17 10.27
N LYS A 49 -2.79 8.41 10.57
CA LYS A 49 -2.44 9.52 9.70
C LYS A 49 -0.95 9.82 9.71
N GLU A 50 -0.24 9.44 10.77
CA GLU A 50 1.20 9.66 10.81
C GLU A 50 1.89 8.82 9.75
N GLU A 51 1.50 7.55 9.62
CA GLU A 51 2.07 6.69 8.59
C GLU A 51 1.70 7.18 7.21
N GLN A 52 0.48 7.69 7.05
CA GLN A 52 0.10 8.24 5.75
C GLN A 52 1.01 9.40 5.35
N GLN A 53 1.30 10.29 6.31
CA GLN A 53 2.19 11.41 6.01
C GLN A 53 3.59 10.92 5.67
N THR A 54 4.07 9.90 6.36
CA THR A 54 5.40 9.36 6.06
C THR A 54 5.47 8.89 4.61
N ILE A 55 4.47 8.14 4.17
CA ILE A 55 4.48 7.64 2.80
C ILE A 55 4.31 8.78 1.79
N TRP A 56 3.40 9.72 2.08
CA TRP A 56 3.22 10.85 1.17
C TRP A 56 4.52 11.62 1.00
N ARG A 57 5.24 11.86 2.10
CA ARG A 57 6.52 12.56 2.01
C ARG A 57 7.50 11.80 1.10
N LEU A 58 7.53 10.48 1.21
CA LEU A 58 8.36 9.68 0.31
C LEU A 58 7.94 9.88 -1.15
N ILE A 59 6.63 9.93 -1.40
CA ILE A 59 6.16 10.12 -2.77
C ILE A 59 6.57 11.50 -3.29
N THR A 60 6.48 12.54 -2.45
CA THR A 60 6.87 13.86 -2.93
C THR A 60 8.35 13.90 -3.29
N ALA A 61 9.18 13.16 -2.54
CA ALA A 61 10.61 13.11 -2.82
C ALA A 61 10.93 12.32 -4.07
N SER A 62 10.01 11.47 -4.50
CA SER A 62 10.23 10.63 -5.67
C SER A 62 10.14 11.41 -6.97
N GLY A 63 9.51 12.59 -6.95
CA GLY A 63 9.35 13.40 -8.14
C GLY A 63 8.18 13.01 -9.01
N SER A 64 7.68 11.79 -8.88
CA SER A 64 6.56 11.31 -9.66
C SER A 64 5.28 11.42 -8.85
N TYR A 65 4.19 11.71 -9.54
CA TYR A 65 2.88 11.72 -8.92
C TYR A 65 1.93 10.86 -9.75
N HIS A 66 0.75 10.62 -9.18
CA HIS A 66 -0.36 9.91 -9.81
C HIS A 66 -0.12 8.42 -9.96
N LYS A 67 0.98 7.88 -9.44
CA LYS A 67 1.24 6.46 -9.57
C LYS A 67 0.36 5.65 -8.63
N LEU A 68 0.06 4.42 -9.05
CA LEU A 68 -0.74 3.50 -8.27
C LEU A 68 0.18 2.51 -7.58
N PHE A 69 0.02 2.36 -6.27
CA PHE A 69 0.86 1.47 -5.47
C PHE A 69 -0.02 0.46 -4.75
N TRP A 70 0.36 -0.82 -4.81
CA TRP A 70 -0.25 -1.78 -3.90
C TRP A 70 0.06 -1.43 -2.45
N LEU A 71 -0.98 -1.46 -1.63
CA LEU A 71 -0.87 -1.55 -0.17
C LEU A 71 -1.24 -2.97 0.26
N GLY A 72 -1.08 -3.24 1.55
CA GLY A 72 -1.41 -4.57 2.05
C GLY A 72 -2.89 -4.87 2.22
N LEU A 73 -3.76 -4.09 1.57
CA LEU A 73 -5.20 -4.30 1.67
C LEU A 73 -5.64 -5.51 0.87
N THR A 74 -6.29 -6.47 1.53
CA THR A 74 -6.82 -7.64 0.86
C THR A 74 -8.11 -8.04 1.55
N TYR A 75 -9.11 -8.40 0.74
CA TYR A 75 -10.40 -8.79 1.28
C TYR A 75 -10.27 -10.12 2.01
N GLY A 76 -10.94 -10.23 3.16
CA GLY A 76 -10.94 -11.49 3.87
C GLY A 76 -12.21 -12.27 3.61
N SER A 77 -12.89 -12.66 4.68
CA SER A 77 -14.20 -13.28 4.57
C SER A 77 -15.24 -12.20 4.35
N PRO A 78 -16.46 -12.57 3.94
CA PRO A 78 -17.50 -11.54 3.76
C PRO A 78 -17.77 -10.72 5.01
N SER A 79 -17.68 -11.34 6.19
CA SER A 79 -17.94 -10.59 7.41
C SER A 79 -16.77 -9.67 7.76
N GLU A 80 -15.53 -10.08 7.44
CA GLU A 80 -14.37 -9.25 7.73
C GLU A 80 -14.28 -8.05 6.80
N GLY A 81 -14.61 -8.24 5.52
CA GLY A 81 -14.25 -7.21 4.57
C GLY A 81 -12.74 -7.07 4.46
N PHE A 82 -12.29 -5.85 4.21
CA PHE A 82 -10.86 -5.66 3.97
C PHE A 82 -10.03 -5.84 5.23
N THR A 83 -8.84 -6.42 5.04
CA THR A 83 -7.86 -6.71 6.07
C THR A 83 -6.50 -6.18 5.60
N TRP A 84 -5.57 -6.08 6.53
CA TRP A 84 -4.17 -5.84 6.22
C TRP A 84 -3.43 -7.16 6.17
N SER A 85 -2.58 -7.34 5.15
CA SER A 85 -1.83 -8.58 5.03
C SER A 85 -0.91 -8.81 6.21
N ASP A 86 -0.47 -7.74 6.89
CA ASP A 86 0.42 -7.92 8.04
C ASP A 86 -0.32 -8.28 9.32
N GLY A 87 -1.65 -8.43 9.26
CA GLY A 87 -2.43 -8.85 10.41
C GLY A 87 -2.90 -7.73 11.32
N SER A 88 -2.49 -6.49 11.07
CA SER A 88 -2.92 -5.40 11.94
C SER A 88 -4.37 -5.04 11.65
N PRO A 89 -5.10 -4.54 12.63
CA PRO A 89 -6.50 -4.17 12.40
C PRO A 89 -6.60 -2.99 11.43
N VAL A 90 -7.68 -3.00 10.65
CA VAL A 90 -7.98 -1.88 9.74
C VAL A 90 -8.77 -0.87 10.56
N SER A 91 -8.04 -0.08 11.34
CA SER A 91 -8.68 0.96 12.15
C SER A 91 -8.79 2.23 11.30
N TYR A 92 -7.66 2.86 11.03
CA TYR A 92 -7.62 4.00 10.14
C TYR A 92 -8.01 3.59 8.73
N GLU A 93 -8.82 4.42 8.08
CA GLU A 93 -9.15 4.21 6.66
C GLU A 93 -9.07 5.53 5.91
N ASN A 94 -8.67 5.44 4.64
CA ASN A 94 -8.67 6.58 3.75
C ASN A 94 -9.14 6.17 2.36
N TRP A 95 -10.23 5.40 2.31
CA TRP A 95 -10.84 5.05 1.03
C TRP A 95 -11.23 6.30 0.24
N ALA A 96 -11.02 6.25 -1.07
CA ALA A 96 -11.57 7.27 -1.95
C ALA A 96 -13.09 7.29 -1.85
N TYR A 97 -13.68 8.40 -2.30
CA TYR A 97 -15.12 8.54 -2.30
C TYR A 97 -15.80 7.38 -3.00
N GLY A 98 -16.74 6.74 -2.30
CA GLY A 98 -17.47 5.62 -2.85
C GLY A 98 -16.76 4.28 -2.75
N GLU A 99 -15.52 4.26 -2.26
CA GLU A 99 -14.78 3.01 -2.19
C GLU A 99 -14.79 2.45 -0.78
N PRO A 100 -14.62 1.13 -0.62
CA PRO A 100 -14.49 0.13 -1.70
C PRO A 100 -15.84 -0.16 -2.35
N ASN A 101 -15.87 -0.20 -3.68
CA ASN A 101 -17.12 -0.39 -4.39
C ASN A 101 -17.24 -1.76 -5.06
N ASN A 102 -16.25 -2.63 -4.88
CA ASN A 102 -16.17 -3.94 -5.51
C ASN A 102 -16.80 -3.93 -6.89
N TYR A 103 -16.22 -3.13 -7.79
CA TYR A 103 -16.83 -2.89 -9.08
C TYR A 103 -16.88 -4.17 -9.89
N GLN A 104 -18.08 -4.51 -10.37
CA GLN A 104 -18.34 -5.75 -11.10
C GLN A 104 -17.99 -7.00 -10.29
N ASN A 105 -17.86 -6.87 -8.96
CA ASN A 105 -17.65 -7.98 -8.03
C ASN A 105 -16.30 -8.67 -8.21
N VAL A 106 -15.29 -7.97 -8.73
CA VAL A 106 -14.02 -8.62 -8.97
C VAL A 106 -12.84 -7.87 -8.35
N GLU A 107 -13.08 -7.02 -7.35
CA GLU A 107 -12.04 -6.15 -6.80
C GLU A 107 -11.78 -6.50 -5.34
N TYR A 108 -10.69 -7.22 -5.07
CA TYR A 108 -10.46 -7.73 -3.71
C TYR A 108 -9.11 -7.31 -3.14
N CYS A 109 -8.39 -6.39 -3.79
CA CYS A 109 -7.12 -5.86 -3.30
C CYS A 109 -7.17 -4.33 -3.35
N GLY A 110 -6.38 -3.71 -2.47
CA GLY A 110 -6.40 -2.26 -2.31
C GLY A 110 -5.12 -1.60 -2.82
N GLU A 111 -5.31 -0.51 -3.57
CA GLU A 111 -4.22 0.28 -4.11
C GLU A 111 -4.30 1.71 -3.58
N LEU A 112 -3.14 2.33 -3.46
CA LEU A 112 -2.98 3.73 -3.11
C LEU A 112 -2.78 4.55 -4.37
N LYS A 113 -3.54 5.63 -4.52
CA LYS A 113 -3.26 6.62 -5.56
C LYS A 113 -2.31 7.66 -4.99
N GLY A 114 -1.10 7.73 -5.55
CA GLY A 114 -0.04 8.56 -5.00
C GLY A 114 -0.15 10.03 -5.34
N ASP A 115 -1.28 10.63 -4.96
CA ASP A 115 -1.44 12.06 -5.11
CA ASP A 115 -1.60 12.04 -5.13
C ASP A 115 -1.81 12.64 -3.74
N PRO A 116 -1.96 13.96 -3.59
CA PRO A 116 -2.15 14.51 -2.23
C PRO A 116 -3.29 13.89 -1.43
N THR A 117 -4.34 13.39 -2.09
CA THR A 117 -5.42 12.78 -1.34
C THR A 117 -5.00 11.51 -0.65
N MET A 118 -3.99 10.81 -1.18
CA MET A 118 -3.49 9.56 -0.61
C MET A 118 -4.63 8.56 -0.40
N SER A 119 -5.56 8.53 -1.36
CA SER A 119 -6.78 7.74 -1.23
CA SER A 119 -6.78 7.75 -1.24
C SER A 119 -6.56 6.30 -1.67
N TRP A 120 -7.40 5.41 -1.13
CA TRP A 120 -7.36 3.98 -1.44
C TRP A 120 -8.52 3.59 -2.34
N ASN A 121 -8.27 2.58 -3.18
CA ASN A 121 -9.28 2.03 -4.06
C ASN A 121 -9.15 0.52 -4.11
N ASP A 122 -10.27 -0.19 -4.11
CA ASP A 122 -10.21 -1.62 -4.38
C ASP A 122 -10.19 -1.86 -5.89
N ILE A 123 -9.37 -2.82 -6.30
CA ILE A 123 -9.09 -3.07 -7.71
C ILE A 123 -8.75 -4.55 -7.88
N ASN A 124 -8.83 -5.02 -9.13
CA ASN A 124 -8.45 -6.37 -9.52
C ASN A 124 -7.07 -6.72 -8.99
N CYS A 125 -6.98 -7.79 -8.19
CA CYS A 125 -5.70 -8.20 -7.60
C CYS A 125 -4.65 -8.58 -8.63
N GLU A 126 -5.06 -8.91 -9.85
N GLU A 126 -5.05 -8.92 -9.85
CA GLU A 126 -4.15 -9.34 -10.90
CA GLU A 126 -4.09 -9.33 -10.87
C GLU A 126 -3.61 -8.18 -11.73
C GLU A 126 -3.65 -8.18 -11.76
N HIS A 127 -4.06 -6.95 -11.45
CA HIS A 127 -3.44 -5.80 -12.09
C HIS A 127 -1.97 -5.75 -11.73
N LEU A 128 -1.14 -5.24 -12.63
CA LEU A 128 0.26 -4.97 -12.34
C LEU A 128 0.40 -3.54 -11.84
N ASN A 129 0.91 -3.39 -10.61
CA ASN A 129 1.06 -2.07 -10.02
C ASN A 129 2.48 -1.89 -9.49
N ASN A 130 2.81 -0.66 -9.14
CA ASN A 130 3.90 -0.40 -8.22
C ASN A 130 3.52 -0.94 -6.84
N TRP A 131 4.43 -0.87 -5.87
CA TRP A 131 4.04 -1.33 -4.54
C TRP A 131 4.91 -0.63 -3.49
N ILE A 132 4.47 -0.76 -2.23
CA ILE A 132 5.16 -0.18 -1.09
C ILE A 132 5.36 -1.28 -0.07
N CYS A 133 6.62 -1.50 0.34
CA CYS A 133 6.90 -2.43 1.43
C CYS A 133 7.08 -1.69 2.74
N GLN A 134 6.93 -2.45 3.83
CA GLN A 134 7.27 -1.99 5.16
C GLN A 134 8.14 -3.04 5.83
N ILE A 135 8.83 -2.61 6.88
CA ILE A 135 9.59 -3.53 7.73
C ILE A 135 9.54 -3.01 9.18
C2 BGC B . -10.54 7.84 -12.71
C3 BGC B . -11.72 6.94 -13.03
C4 BGC B . -11.28 5.48 -13.06
C5 BGC B . -10.53 5.14 -11.78
C6 BGC B . -9.94 3.73 -11.84
C1 BGC B . -9.89 7.40 -11.41
O1 BGC B . -8.75 8.21 -11.15
O2 BGC B . -10.96 9.19 -12.61
O3 BGC B . -12.29 7.27 -14.27
O4 BGC B . -12.45 4.71 -13.09
O5 BGC B . -9.46 6.05 -11.54
O6 BGC B . -9.44 3.38 -10.57
C1 GAL B . -12.44 3.78 -14.18
C2 GAL B . -13.47 2.70 -13.84
C3 GAL B . -13.68 1.72 -15.00
C4 GAL B . -13.89 2.47 -16.33
C5 GAL B . -12.80 3.49 -16.52
C6 GAL B . -13.00 4.38 -17.73
O2 GAL B . -13.00 1.97 -12.68
O3 GAL B . -14.86 0.93 -14.82
O4 GAL B . -15.14 3.13 -16.33
O5 GAL B . -12.73 4.40 -15.42
O6 GAL B . -11.84 5.15 -17.98
C1 FUC B . -14.05 1.51 -11.82
C2 FUC B . -13.43 0.49 -10.87
C3 FUC B . -12.38 1.17 -10.00
C4 FUC B . -12.98 2.37 -9.27
C5 FUC B . -13.70 3.27 -10.29
C6 FUC B . -14.41 4.45 -9.63
O2 FUC B . -12.85 -0.54 -11.66
O3 FUC B . -11.87 0.29 -9.03
O4 FUC B . -13.83 1.93 -8.22
O5 FUC B . -14.64 2.52 -11.04
CA CA C . -12.96 0.12 -6.76
#